data_5E0X
#
_entry.id   5E0X
#
_cell.length_a   55.080
_cell.length_b   81.880
_cell.length_c   58.350
_cell.angle_alpha   90.000
_cell.angle_beta   110.860
_cell.angle_gamma   90.000
#
_symmetry.space_group_name_H-M   'P 1 21 1'
#
loop_
_entity.id
_entity.type
_entity.pdbx_description
1 polymer 'Estrogen receptor'
2 polymer 'Nuclear receptor coactivator 2'
3 non-polymer "4,4'-{[(3S)-3-(4-methoxyphenyl)cyclohexylidene]methanediyl}diphenol"
4 water water
#
loop_
_entity_poly.entity_id
_entity_poly.type
_entity_poly.pdbx_seq_one_letter_code
_entity_poly.pdbx_strand_id
1 'polypeptide(L)'
;IKRSKKNSLALSLTADQMVSALLDAEPPILYSEYDPTRPFSEASMMGLLTNLADRELVHMINWAKRVPGFVDLTLHDQVH
LLECAWLEILMIGLVWRSMEHPGKLLFAPNLLLDRNQGKCVEGMVEIFDMLLATSSRFRMMNLQGEEFVCLKSIILLNSG
VYTFLSSTLKSLEEKDHIHRVLDKITDTLIHLMAKAGLTLQQQHQRLAQLLLILSHIRHMSNKGMEHLYSMKCKNVVPLS
DLLLEMLDAHRLHAPTS
;
A,B
2 'polypeptide(L)' KHKILHRLLQDSSS C,D
#
# COMPACT_ATOMS: atom_id res chain seq x y z
N SER A 8 19.57 -14.15 16.49
CA SER A 8 18.68 -14.52 15.39
C SER A 8 19.47 -15.17 14.26
N LEU A 9 19.02 -16.34 13.84
CA LEU A 9 19.67 -17.07 12.75
C LEU A 9 19.39 -16.43 11.40
N ALA A 10 18.38 -15.57 11.35
CA ALA A 10 18.00 -14.90 10.12
C ALA A 10 19.04 -13.85 9.70
N LEU A 11 19.63 -13.18 10.69
CA LEU A 11 20.58 -12.10 10.42
C LEU A 11 21.95 -12.63 10.01
N SER A 12 22.09 -13.95 9.94
CA SER A 12 23.37 -14.55 9.54
C SER A 12 23.21 -15.39 8.27
N LEU A 13 22.00 -15.43 7.73
CA LEU A 13 21.73 -16.15 6.50
C LEU A 13 22.24 -15.38 5.28
N THR A 14 22.91 -16.09 4.39
CA THR A 14 23.30 -15.50 3.11
C THR A 14 22.07 -15.38 2.22
N ALA A 15 22.21 -14.66 1.11
CA ALA A 15 21.08 -14.45 0.20
C ALA A 15 20.58 -15.77 -0.36
N ASP A 16 21.49 -16.72 -0.58
CA ASP A 16 21.13 -18.02 -1.11
C ASP A 16 20.32 -18.82 -0.10
N GLN A 17 20.77 -18.82 1.15
CA GLN A 17 20.07 -19.52 2.22
C GLN A 17 18.72 -18.90 2.54
N MET A 18 18.62 -17.58 2.33
CA MET A 18 17.36 -16.89 2.51
C MET A 18 16.33 -17.38 1.49
N VAL A 19 16.75 -17.46 0.23
CA VAL A 19 15.89 -17.94 -0.85
C VAL A 19 15.47 -19.39 -0.60
N SER A 20 16.44 -20.24 -0.30
CA SER A 20 16.20 -21.65 -0.07
C SER A 20 15.25 -21.87 1.10
N ALA A 21 15.40 -21.05 2.14
CA ALA A 21 14.52 -21.14 3.31
C ALA A 21 13.09 -20.76 2.95
N LEU A 22 12.94 -19.69 2.16
CA LEU A 22 11.63 -19.23 1.75
C LEU A 22 10.96 -20.19 0.77
N LEU A 23 11.75 -20.70 -0.17
CA LEU A 23 11.24 -21.64 -1.16
C LEU A 23 10.76 -22.94 -0.51
N ASP A 24 11.51 -23.41 0.50
CA ASP A 24 11.17 -24.64 1.17
C ASP A 24 9.98 -24.46 2.12
N ALA A 25 9.75 -23.22 2.52
CA ALA A 25 8.65 -22.91 3.44
C ALA A 25 7.34 -22.69 2.70
N GLU A 26 7.40 -22.69 1.37
CA GLU A 26 6.23 -22.44 0.54
C GLU A 26 5.07 -23.38 0.84
N PRO A 27 3.88 -22.82 1.09
CA PRO A 27 2.67 -23.61 1.32
C PRO A 27 2.23 -24.30 0.03
N PRO A 28 1.48 -25.40 0.16
CA PRO A 28 1.00 -26.12 -1.03
C PRO A 28 -0.16 -25.41 -1.72
N ILE A 29 -0.43 -25.78 -2.96
CA ILE A 29 -1.57 -25.26 -3.68
C ILE A 29 -2.79 -26.14 -3.44
N LEU A 30 -3.75 -25.62 -2.67
CA LEU A 30 -4.92 -26.41 -2.28
C LEU A 30 -5.96 -26.47 -3.40
N TYR A 31 -6.84 -27.46 -3.33
CA TYR A 31 -7.93 -27.60 -4.28
C TYR A 31 -9.23 -27.07 -3.70
N SER A 32 -10.15 -26.70 -4.59
CA SER A 32 -11.48 -26.27 -4.18
C SER A 32 -12.45 -27.44 -4.23
N GLU A 33 -13.61 -27.26 -3.61
CA GLU A 33 -14.67 -28.27 -3.67
C GLU A 33 -15.30 -28.26 -5.06
N TYR A 34 -15.72 -27.08 -5.48
CA TYR A 34 -16.27 -26.75 -6.81
C TYR A 34 -16.70 -27.93 -7.71
N ASP A 35 -18.02 -28.14 -7.79
CA ASP A 35 -18.57 -29.06 -8.78
C ASP A 35 -18.87 -28.29 -10.05
N PRO A 36 -18.17 -28.61 -11.15
CA PRO A 36 -18.31 -27.88 -12.41
C PRO A 36 -19.63 -28.16 -13.13
N THR A 37 -20.42 -29.10 -12.61
CA THR A 37 -21.67 -29.49 -13.25
C THR A 37 -22.81 -28.55 -12.88
N ARG A 38 -22.60 -27.73 -11.85
CA ARG A 38 -23.61 -26.77 -11.42
C ARG A 38 -23.18 -25.33 -11.63
N PRO A 39 -24.07 -24.50 -12.20
CA PRO A 39 -23.83 -23.09 -12.46
C PRO A 39 -23.51 -22.30 -11.19
N PHE A 40 -22.95 -21.11 -11.37
CA PHE A 40 -22.52 -20.28 -10.25
C PHE A 40 -23.63 -19.41 -9.67
N SER A 41 -23.75 -19.45 -8.34
CA SER A 41 -24.63 -18.52 -7.62
C SER A 41 -23.78 -17.67 -6.69
N GLU A 42 -24.35 -16.59 -6.18
CA GLU A 42 -23.61 -15.69 -5.31
C GLU A 42 -23.23 -16.37 -4.00
N ALA A 43 -24.15 -17.18 -3.47
CA ALA A 43 -23.91 -17.88 -2.21
C ALA A 43 -22.91 -19.02 -2.37
N SER A 44 -23.02 -19.75 -3.48
CA SER A 44 -22.16 -20.92 -3.69
C SER A 44 -20.72 -20.53 -3.95
N MET A 45 -20.50 -19.56 -4.82
CA MET A 45 -19.15 -19.13 -5.16
C MET A 45 -18.46 -18.48 -3.98
N MET A 46 -19.22 -17.73 -3.19
CA MET A 46 -18.68 -17.13 -1.97
C MET A 46 -18.33 -18.24 -0.98
N GLY A 47 -19.10 -19.31 -1.01
CA GLY A 47 -18.82 -20.47 -0.17
C GLY A 47 -17.54 -21.16 -0.56
N LEU A 48 -17.28 -21.25 -1.86
CA LEU A 48 -16.06 -21.88 -2.36
C LEU A 48 -14.83 -21.08 -1.98
N LEU A 49 -14.90 -19.76 -2.17
CA LEU A 49 -13.76 -18.89 -1.88
C LEU A 49 -13.49 -18.82 -0.38
N THR A 50 -14.57 -18.82 0.41
CA THR A 50 -14.47 -18.79 1.86
C THR A 50 -13.86 -20.08 2.39
N ASN A 51 -14.38 -21.21 1.92
CA ASN A 51 -13.87 -22.52 2.32
C ASN A 51 -12.41 -22.69 1.94
N LEU A 52 -12.04 -22.20 0.75
CA LEU A 52 -10.67 -22.30 0.28
C LEU A 52 -9.72 -21.44 1.09
N ALA A 53 -10.14 -20.19 1.36
CA ALA A 53 -9.32 -19.25 2.11
C ALA A 53 -9.09 -19.74 3.53
N ASP A 54 -10.11 -20.36 4.12
CA ASP A 54 -10.02 -20.86 5.48
C ASP A 54 -8.97 -21.96 5.63
N ARG A 55 -8.89 -22.84 4.63
CA ARG A 55 -7.91 -23.91 4.65
C ARG A 55 -6.52 -23.39 4.31
N GLU A 56 -6.47 -22.33 3.51
CA GLU A 56 -5.20 -21.69 3.18
C GLU A 56 -4.62 -20.97 4.39
N LEU A 57 -5.51 -20.44 5.23
CA LEU A 57 -5.10 -19.73 6.44
C LEU A 57 -4.28 -20.62 7.36
N VAL A 58 -4.70 -21.87 7.48
CA VAL A 58 -4.01 -22.84 8.32
C VAL A 58 -2.57 -23.05 7.84
N HIS A 59 -2.41 -23.17 6.53
CA HIS A 59 -1.08 -23.34 5.94
C HIS A 59 -0.27 -22.07 6.03
N MET A 60 -0.93 -20.92 5.97
CA MET A 60 -0.26 -19.63 6.04
C MET A 60 0.35 -19.42 7.43
N ILE A 61 -0.37 -19.84 8.45
CA ILE A 61 0.08 -19.71 9.83
C ILE A 61 1.36 -20.49 10.07
N ASN A 62 1.41 -21.72 9.56
CA ASN A 62 2.59 -22.55 9.71
C ASN A 62 3.69 -22.15 8.74
N TRP A 63 3.31 -21.43 7.69
CA TRP A 63 4.29 -20.87 6.76
C TRP A 63 5.01 -19.69 7.39
N ALA A 64 4.27 -18.88 8.14
CA ALA A 64 4.82 -17.70 8.79
C ALA A 64 5.91 -18.07 9.79
N LYS A 65 5.70 -19.17 10.51
CA LYS A 65 6.66 -19.65 11.50
C LYS A 65 8.00 -19.99 10.84
N ARG A 66 7.96 -20.40 9.58
CA ARG A 66 9.16 -20.80 8.88
C ARG A 66 9.80 -19.62 8.14
N VAL A 67 9.18 -18.45 8.23
CA VAL A 67 9.77 -17.23 7.70
C VAL A 67 10.83 -16.72 8.65
N PRO A 68 12.07 -16.58 8.16
CA PRO A 68 13.22 -16.17 8.96
C PRO A 68 12.99 -14.88 9.76
N GLY A 69 13.08 -14.98 11.08
CA GLY A 69 12.92 -13.83 11.96
C GLY A 69 11.56 -13.76 12.61
N PHE A 70 10.58 -14.44 12.03
CA PHE A 70 9.21 -14.37 12.53
C PHE A 70 9.04 -15.12 13.84
N VAL A 71 9.82 -16.19 14.01
CA VAL A 71 9.75 -17.00 15.22
C VAL A 71 10.43 -16.29 16.40
N ASP A 72 11.30 -15.33 16.09
CA ASP A 72 12.02 -14.58 17.12
C ASP A 72 11.14 -13.48 17.71
N LEU A 73 9.96 -13.28 17.12
CA LEU A 73 9.02 -12.27 17.60
C LEU A 73 8.11 -12.82 18.69
N THR A 74 7.55 -11.93 19.49
CA THR A 74 6.61 -12.32 20.54
C THR A 74 5.31 -12.81 19.90
N LEU A 75 4.54 -13.61 20.64
CA LEU A 75 3.31 -14.17 20.13
C LEU A 75 2.29 -13.10 19.77
N HIS A 76 2.15 -12.08 20.63
CA HIS A 76 1.24 -10.97 20.38
C HIS A 76 1.59 -10.22 19.10
N ASP A 77 2.87 -10.10 18.81
CA ASP A 77 3.33 -9.45 17.59
C ASP A 77 3.08 -10.32 16.36
N GLN A 78 3.24 -11.63 16.55
CA GLN A 78 2.98 -12.59 15.47
C GLN A 78 1.50 -12.57 15.08
N VAL A 79 0.64 -12.51 16.08
CA VAL A 79 -0.80 -12.42 15.86
C VAL A 79 -1.15 -11.14 15.10
N HIS A 80 -0.54 -10.04 15.51
CA HIS A 80 -0.81 -8.73 14.91
C HIS A 80 -0.41 -8.67 13.44
N LEU A 81 0.77 -9.18 13.13
CA LEU A 81 1.27 -9.17 11.75
C LEU A 81 0.38 -9.99 10.83
N LEU A 82 -0.07 -11.15 11.32
CA LEU A 82 -0.90 -12.04 10.52
C LEU A 82 -2.32 -11.48 10.37
N GLU A 83 -2.87 -10.91 11.44
CA GLU A 83 -4.21 -10.33 11.39
C GLU A 83 -4.26 -9.18 10.38
N CYS A 84 -3.14 -8.45 10.27
CA CYS A 84 -3.07 -7.28 9.41
C CYS A 84 -2.87 -7.63 7.94
N ALA A 85 -2.13 -8.70 7.67
CA ALA A 85 -1.68 -8.97 6.30
C ALA A 85 -2.18 -10.27 5.70
N TRP A 86 -3.09 -10.96 6.38
CA TRP A 86 -3.52 -12.29 5.92
C TRP A 86 -4.19 -12.26 4.53
N LEU A 87 -4.96 -11.22 4.26
CA LEU A 87 -5.64 -11.11 2.98
C LEU A 87 -4.66 -10.66 1.89
N GLU A 88 -3.70 -9.84 2.28
CA GLU A 88 -2.63 -9.42 1.37
C GLU A 88 -1.84 -10.64 0.89
N ILE A 89 -1.52 -11.53 1.82
CA ILE A 89 -0.75 -12.73 1.53
C ILE A 89 -1.57 -13.70 0.67
N LEU A 90 -2.85 -13.82 0.97
CA LEU A 90 -3.75 -14.66 0.18
C LEU A 90 -3.84 -14.13 -1.26
N MET A 91 -3.97 -12.82 -1.40
CA MET A 91 -4.16 -12.21 -2.71
C MET A 91 -2.91 -12.29 -3.59
N ILE A 92 -1.74 -12.00 -3.03
CA ILE A 92 -0.51 -12.06 -3.80
C ILE A 92 -0.21 -13.50 -4.21
N GLY A 93 -0.66 -14.45 -3.39
CA GLY A 93 -0.53 -15.86 -3.72
C GLY A 93 -1.41 -16.21 -4.89
N LEU A 94 -2.64 -15.70 -4.85
CA LEU A 94 -3.60 -15.87 -5.94
C LEU A 94 -3.07 -15.27 -7.24
N VAL A 95 -2.56 -14.05 -7.15
CA VAL A 95 -2.04 -13.33 -8.29
C VAL A 95 -0.85 -14.07 -8.91
N TRP A 96 -0.02 -14.64 -8.05
CA TRP A 96 1.13 -15.41 -8.51
C TRP A 96 0.71 -16.70 -9.23
N ARG A 97 -0.31 -17.37 -8.71
CA ARG A 97 -0.81 -18.60 -9.33
C ARG A 97 -1.47 -18.32 -10.68
N SER A 98 -1.95 -17.09 -10.85
CA SER A 98 -2.71 -16.72 -12.05
C SER A 98 -1.84 -16.06 -13.11
N MET A 99 -0.54 -16.04 -12.88
CA MET A 99 0.38 -15.30 -13.76
C MET A 99 0.44 -15.91 -15.17
N GLU A 100 0.32 -17.23 -15.25
CA GLU A 100 0.40 -17.91 -16.53
C GLU A 100 -0.98 -18.08 -17.17
N HIS A 101 -1.99 -17.47 -16.57
CA HIS A 101 -3.36 -17.56 -17.08
C HIS A 101 -3.99 -16.19 -17.26
N PRO A 102 -3.71 -15.54 -18.40
CA PRO A 102 -4.21 -14.20 -18.71
C PRO A 102 -5.74 -14.11 -18.68
N GLY A 103 -6.26 -13.08 -18.02
CA GLY A 103 -7.69 -12.88 -17.92
C GLY A 103 -8.36 -13.84 -16.96
N LYS A 104 -7.56 -14.68 -16.32
CA LYS A 104 -8.07 -15.70 -15.41
C LYS A 104 -7.46 -15.58 -14.02
N LEU A 105 -8.24 -15.94 -13.01
CA LEU A 105 -7.74 -16.00 -11.64
C LEU A 105 -7.75 -17.44 -11.13
N LEU A 106 -6.56 -17.99 -10.90
CA LEU A 106 -6.45 -19.38 -10.48
C LEU A 106 -6.50 -19.48 -8.96
N PHE A 107 -7.71 -19.53 -8.41
CA PHE A 107 -7.91 -19.72 -6.98
C PHE A 107 -7.44 -21.12 -6.59
N ALA A 108 -7.61 -22.05 -7.52
CA ALA A 108 -7.24 -23.44 -7.34
C ALA A 108 -7.04 -24.07 -8.71
N PRO A 109 -6.28 -25.17 -8.79
CA PRO A 109 -6.09 -25.85 -10.07
C PRO A 109 -7.40 -26.24 -10.73
N ASN A 110 -8.43 -26.51 -9.92
CA ASN A 110 -9.74 -26.86 -10.45
C ASN A 110 -10.72 -25.68 -10.40
N LEU A 111 -10.20 -24.51 -10.05
CA LEU A 111 -11.04 -23.32 -9.98
C LEU A 111 -10.40 -22.13 -10.69
N LEU A 112 -10.71 -21.98 -11.98
CA LEU A 112 -10.19 -20.89 -12.80
C LEU A 112 -11.32 -19.96 -13.22
N LEU A 113 -11.24 -18.70 -12.83
CA LEU A 113 -12.34 -17.75 -13.07
C LEU A 113 -11.91 -16.50 -13.83
N ASP A 114 -12.79 -16.03 -14.72
CA ASP A 114 -12.59 -14.75 -15.38
C ASP A 114 -13.44 -13.67 -14.71
N ARG A 115 -13.34 -12.45 -15.19
CA ARG A 115 -14.04 -11.32 -14.57
C ARG A 115 -15.57 -11.42 -14.75
N ASN A 116 -16.00 -12.14 -15.78
CA ASN A 116 -17.42 -12.32 -16.03
C ASN A 116 -18.05 -13.22 -14.96
N GLN A 117 -17.31 -14.24 -14.54
CA GLN A 117 -17.78 -15.14 -13.49
C GLN A 117 -17.70 -14.47 -12.12
N GLY A 118 -17.05 -13.31 -12.08
CA GLY A 118 -16.95 -12.54 -10.85
C GLY A 118 -18.14 -11.64 -10.63
N LYS A 119 -18.99 -11.52 -11.65
CA LYS A 119 -20.16 -10.65 -11.57
C LYS A 119 -21.27 -11.29 -10.74
N CYS A 120 -21.18 -12.59 -10.52
CA CYS A 120 -22.22 -13.32 -9.78
C CYS A 120 -22.30 -12.84 -8.33
N VAL A 121 -21.21 -12.29 -7.82
CA VAL A 121 -21.19 -11.68 -6.50
C VAL A 121 -21.11 -10.15 -6.64
N GLU A 122 -22.10 -9.46 -6.09
CA GLU A 122 -22.19 -8.02 -6.22
C GLU A 122 -21.02 -7.31 -5.55
N GLY A 123 -20.23 -6.59 -6.35
CA GLY A 123 -19.14 -5.80 -5.85
C GLY A 123 -17.80 -6.51 -5.82
N MET A 124 -17.76 -7.72 -6.39
CA MET A 124 -16.54 -8.51 -6.40
C MET A 124 -15.74 -8.30 -7.68
N VAL A 125 -16.45 -7.97 -8.76
CA VAL A 125 -15.82 -7.77 -10.06
C VAL A 125 -14.82 -6.61 -10.01
N GLU A 126 -15.05 -5.66 -9.10
CA GLU A 126 -14.11 -4.55 -8.92
C GLU A 126 -12.77 -5.05 -8.41
N ILE A 127 -12.81 -6.00 -7.48
CA ILE A 127 -11.60 -6.56 -6.91
C ILE A 127 -10.94 -7.51 -7.91
N PHE A 128 -11.77 -8.25 -8.64
CA PHE A 128 -11.31 -9.16 -9.69
C PHE A 128 -10.44 -8.47 -10.73
N ASP A 129 -10.87 -7.29 -11.15
CA ASP A 129 -10.13 -6.52 -12.16
C ASP A 129 -8.79 -6.04 -11.61
N MET A 130 -8.77 -5.65 -10.35
CA MET A 130 -7.53 -5.20 -9.72
C MET A 130 -6.54 -6.36 -9.58
N LEU A 131 -7.06 -7.54 -9.22
CA LEU A 131 -6.22 -8.73 -9.11
C LEU A 131 -5.67 -9.14 -10.47
N LEU A 132 -6.51 -9.08 -11.50
CA LEU A 132 -6.11 -9.40 -12.86
C LEU A 132 -5.04 -8.44 -13.37
N ALA A 133 -5.21 -7.15 -13.06
CA ALA A 133 -4.26 -6.13 -13.46
C ALA A 133 -2.91 -6.35 -12.77
N THR A 134 -2.95 -6.81 -11.53
CA THR A 134 -1.74 -7.10 -10.78
C THR A 134 -1.05 -8.32 -11.37
N SER A 135 -1.85 -9.28 -11.84
CA SER A 135 -1.31 -10.49 -12.46
C SER A 135 -0.68 -10.17 -13.80
N SER A 136 -1.30 -9.24 -14.54
CA SER A 136 -0.75 -8.79 -15.81
C SER A 136 0.56 -8.05 -15.60
N ARG A 137 0.66 -7.34 -14.48
CA ARG A 137 1.86 -6.62 -14.13
C ARG A 137 3.02 -7.57 -13.84
N PHE A 138 2.74 -8.61 -13.05
CA PHE A 138 3.74 -9.63 -12.75
C PHE A 138 4.19 -10.33 -14.02
N ARG A 139 3.24 -10.60 -14.91
CA ARG A 139 3.53 -11.28 -16.17
C ARG A 139 4.35 -10.38 -17.08
N MET A 140 4.07 -9.08 -17.06
CA MET A 140 4.81 -8.11 -17.86
C MET A 140 6.24 -7.96 -17.34
N MET A 141 6.39 -7.94 -16.02
CA MET A 141 7.70 -7.82 -15.39
C MET A 141 8.45 -9.14 -15.39
N ASN A 142 7.76 -10.21 -15.76
CA ASN A 142 8.30 -11.56 -15.70
C ASN A 142 8.80 -11.88 -14.30
N LEU A 143 7.90 -11.80 -13.33
CA LEU A 143 8.22 -12.05 -11.93
C LEU A 143 8.70 -13.48 -11.72
N GLN A 144 9.82 -13.63 -11.01
CA GLN A 144 10.36 -14.95 -10.71
C GLN A 144 9.89 -15.45 -9.36
N GLY A 145 9.88 -16.76 -9.19
CA GLY A 145 9.46 -17.38 -7.94
C GLY A 145 10.31 -16.97 -6.76
N GLU A 146 11.60 -16.77 -7.00
CA GLU A 146 12.52 -16.34 -5.96
C GLU A 146 12.17 -14.94 -5.49
N GLU A 147 11.69 -14.11 -6.42
CA GLU A 147 11.27 -12.75 -6.10
C GLU A 147 9.92 -12.73 -5.38
N PHE A 148 9.04 -13.64 -5.79
CA PHE A 148 7.70 -13.73 -5.23
C PHE A 148 7.72 -14.07 -3.74
N VAL A 149 8.51 -15.09 -3.38
CA VAL A 149 8.59 -15.51 -1.99
C VAL A 149 9.21 -14.43 -1.11
N CYS A 150 10.09 -13.62 -1.70
CA CYS A 150 10.67 -12.49 -0.99
C CYS A 150 9.63 -11.41 -0.73
N LEU A 151 8.82 -11.10 -1.74
CA LEU A 151 7.78 -10.08 -1.62
C LEU A 151 6.71 -10.48 -0.61
N LYS A 152 6.33 -11.75 -0.64
CA LYS A 152 5.30 -12.26 0.26
C LYS A 152 5.76 -12.22 1.71
N SER A 153 7.04 -12.51 1.93
CA SER A 153 7.61 -12.45 3.26
C SER A 153 7.70 -11.01 3.76
N ILE A 154 7.98 -10.09 2.83
CA ILE A 154 8.03 -8.67 3.14
C ILE A 154 6.67 -8.17 3.65
N ILE A 155 5.61 -8.58 2.95
CA ILE A 155 4.25 -8.22 3.33
C ILE A 155 3.95 -8.65 4.76
N LEU A 156 4.33 -9.88 5.10
CA LEU A 156 4.11 -10.41 6.44
C LEU A 156 4.78 -9.57 7.53
N LEU A 157 6.01 -9.13 7.26
CA LEU A 157 6.80 -8.41 8.26
C LEU A 157 6.56 -6.90 8.25
N ASN A 158 6.14 -6.38 7.10
CA ASN A 158 6.02 -4.93 6.96
C ASN A 158 4.62 -4.37 7.21
N SER A 159 3.59 -5.10 6.78
CA SER A 159 2.23 -4.57 6.76
C SER A 159 1.72 -4.11 8.12
N GLY A 160 2.14 -4.79 9.19
CA GLY A 160 1.65 -4.47 10.51
C GLY A 160 2.71 -3.96 11.48
N VAL A 161 3.88 -3.61 10.96
CA VAL A 161 5.00 -3.23 11.81
C VAL A 161 4.83 -1.79 12.33
N TYR A 162 4.03 -0.98 11.65
CA TYR A 162 3.84 0.41 12.06
C TYR A 162 2.54 0.60 12.84
N THR A 163 1.94 -0.50 13.25
CA THR A 163 0.79 -0.46 14.15
C THR A 163 1.06 -1.32 15.38
N PHE A 164 2.27 -1.20 15.90
CA PHE A 164 2.73 -1.97 17.06
C PHE A 164 2.58 -3.47 16.83
N GLU A 174 11.37 -7.02 18.55
CA GLU A 174 11.01 -5.61 18.45
C GLU A 174 10.97 -5.15 17.00
N LYS A 175 10.78 -3.86 16.78
CA LYS A 175 10.68 -3.31 15.43
C LYS A 175 12.05 -3.18 14.77
N ASP A 176 13.08 -2.95 15.57
CA ASP A 176 14.44 -2.84 15.06
C ASP A 176 14.90 -4.16 14.46
N HIS A 177 14.44 -5.25 15.05
CA HIS A 177 14.77 -6.59 14.56
C HIS A 177 14.03 -6.88 13.25
N ILE A 178 12.78 -6.44 13.18
CA ILE A 178 11.96 -6.65 11.99
C ILE A 178 12.53 -5.92 10.77
N HIS A 179 12.92 -4.66 10.98
CA HIS A 179 13.50 -3.87 9.90
C HIS A 179 14.84 -4.46 9.45
N ARG A 180 15.56 -5.07 10.39
CA ARG A 180 16.83 -5.70 10.06
C ARG A 180 16.61 -6.91 9.14
N VAL A 181 15.55 -7.66 9.40
CA VAL A 181 15.19 -8.79 8.56
C VAL A 181 14.68 -8.29 7.21
N LEU A 182 13.92 -7.21 7.24
CA LEU A 182 13.43 -6.57 6.01
C LEU A 182 14.59 -6.13 5.13
N ASP A 183 15.63 -5.60 5.76
CA ASP A 183 16.82 -5.16 5.03
C ASP A 183 17.53 -6.34 4.39
N LYS A 184 17.46 -7.50 5.04
CA LYS A 184 18.08 -8.72 4.52
C LYS A 184 17.35 -9.26 3.31
N ILE A 185 16.02 -9.19 3.34
CA ILE A 185 15.22 -9.61 2.20
C ILE A 185 15.45 -8.66 1.03
N THR A 186 15.72 -7.39 1.36
CA THR A 186 16.07 -6.42 0.35
C THR A 186 17.40 -6.79 -0.31
N ASP A 187 18.38 -7.15 0.51
CA ASP A 187 19.66 -7.61 0.01
C ASP A 187 19.49 -8.86 -0.83
N THR A 188 18.56 -9.71 -0.42
CA THR A 188 18.27 -10.95 -1.12
C THR A 188 17.71 -10.67 -2.52
N LEU A 189 16.77 -9.73 -2.60
CA LEU A 189 16.19 -9.33 -3.88
C LEU A 189 17.24 -8.76 -4.82
N ILE A 190 18.07 -7.86 -4.30
CA ILE A 190 19.14 -7.24 -5.08
C ILE A 190 20.12 -8.31 -5.58
N HIS A 191 20.44 -9.26 -4.70
CA HIS A 191 21.34 -10.35 -5.05
C HIS A 191 20.78 -11.20 -6.19
N LEU A 192 19.48 -11.42 -6.19
CA LEU A 192 18.82 -12.19 -7.24
C LEU A 192 18.87 -11.46 -8.58
N MET A 193 18.60 -10.16 -8.55
CA MET A 193 18.57 -9.35 -9.77
C MET A 193 19.96 -9.22 -10.38
N ALA A 194 20.97 -9.09 -9.52
CA ALA A 194 22.35 -9.00 -9.98
C ALA A 194 22.80 -10.31 -10.62
N LYS A 195 22.20 -11.40 -10.18
CA LYS A 195 22.51 -12.73 -10.71
C LYS A 195 21.82 -12.93 -12.06
N ALA A 196 20.74 -12.19 -12.29
CA ALA A 196 19.98 -12.30 -13.53
C ALA A 196 20.57 -11.45 -14.64
N GLY A 197 21.72 -10.85 -14.38
CA GLY A 197 22.42 -10.05 -15.38
C GLY A 197 21.91 -8.64 -15.51
N LEU A 198 21.28 -8.14 -14.45
CA LEU A 198 20.77 -6.77 -14.44
C LEU A 198 21.85 -5.79 -13.99
N THR A 199 21.93 -4.65 -14.65
CA THR A 199 22.88 -3.61 -14.27
C THR A 199 22.46 -2.98 -12.95
N LEU A 200 23.36 -2.19 -12.37
CA LEU A 200 23.13 -1.59 -11.06
C LEU A 200 21.89 -0.69 -11.07
N GLN A 201 21.71 0.05 -12.16
CA GLN A 201 20.54 0.90 -12.31
C GLN A 201 19.28 0.05 -12.47
N GLN A 202 19.40 -1.05 -13.21
CA GLN A 202 18.28 -1.95 -13.46
C GLN A 202 17.83 -2.64 -12.17
N GLN A 203 18.78 -2.93 -11.29
CA GLN A 203 18.47 -3.57 -10.02
C GLN A 203 17.62 -2.65 -9.13
N HIS A 204 18.05 -1.40 -9.01
CA HIS A 204 17.33 -0.44 -8.18
C HIS A 204 15.95 -0.13 -8.75
N GLN A 205 15.84 -0.09 -10.06
CA GLN A 205 14.57 0.19 -10.73
C GLN A 205 13.59 -0.94 -10.52
N ARG A 206 14.04 -2.18 -10.75
CA ARG A 206 13.18 -3.35 -10.60
C ARG A 206 12.76 -3.53 -9.13
N LEU A 207 13.68 -3.22 -8.22
CA LEU A 207 13.39 -3.29 -6.79
C LEU A 207 12.26 -2.33 -6.44
N ALA A 208 12.30 -1.14 -7.02
CA ALA A 208 11.28 -0.14 -6.78
C ALA A 208 9.93 -0.59 -7.36
N GLN A 209 9.96 -1.10 -8.57
CA GLN A 209 8.75 -1.56 -9.25
C GLN A 209 8.04 -2.65 -8.46
N LEU A 210 8.81 -3.58 -7.90
CA LEU A 210 8.25 -4.68 -7.14
C LEU A 210 7.60 -4.21 -5.84
N LEU A 211 8.26 -3.30 -5.14
CA LEU A 211 7.76 -2.82 -3.85
C LEU A 211 6.58 -1.88 -4.00
N LEU A 212 6.47 -1.23 -5.16
CA LEU A 212 5.35 -0.34 -5.42
C LEU A 212 4.06 -1.14 -5.63
N ILE A 213 4.21 -2.38 -6.07
CA ILE A 213 3.06 -3.26 -6.27
C ILE A 213 2.43 -3.64 -4.93
N LEU A 214 3.24 -3.66 -3.88
CA LEU A 214 2.76 -3.98 -2.54
C LEU A 214 1.78 -2.93 -2.04
N SER A 215 1.92 -1.70 -2.54
CA SER A 215 0.99 -0.64 -2.24
C SER A 215 -0.39 -0.96 -2.83
N HIS A 216 -0.38 -1.54 -4.03
CA HIS A 216 -1.62 -1.94 -4.70
C HIS A 216 -2.24 -3.17 -4.04
N ILE A 217 -1.39 -4.08 -3.58
CA ILE A 217 -1.86 -5.27 -2.90
C ILE A 217 -2.53 -4.87 -1.59
N ARG A 218 -1.96 -3.90 -0.91
CA ARG A 218 -2.55 -3.34 0.31
C ARG A 218 -3.91 -2.74 0.02
N HIS A 219 -4.00 -2.04 -1.11
CA HIS A 219 -5.26 -1.43 -1.54
C HIS A 219 -6.34 -2.48 -1.79
N MET A 220 -5.98 -3.52 -2.53
CA MET A 220 -6.92 -4.60 -2.86
C MET A 220 -7.41 -5.30 -1.60
N SER A 221 -6.52 -5.47 -0.63
CA SER A 221 -6.86 -6.11 0.63
C SER A 221 -7.86 -5.26 1.42
N ASN A 222 -7.60 -3.96 1.48
CA ASN A 222 -8.48 -3.05 2.20
C ASN A 222 -9.86 -2.96 1.56
N LYS A 223 -9.90 -2.78 0.24
CA LYS A 223 -11.16 -2.72 -0.48
C LYS A 223 -11.88 -4.07 -0.42
N GLY A 224 -11.10 -5.15 -0.44
CA GLY A 224 -11.66 -6.48 -0.33
C GLY A 224 -12.22 -6.73 1.06
N MET A 225 -11.44 -6.36 2.08
CA MET A 225 -11.85 -6.49 3.47
C MET A 225 -13.15 -5.74 3.74
N GLU A 226 -13.21 -4.51 3.24
CA GLU A 226 -14.35 -3.63 3.43
C GLU A 226 -15.66 -4.27 2.97
N HIS A 227 -15.59 -5.03 1.88
CA HIS A 227 -16.76 -5.74 1.37
C HIS A 227 -17.06 -7.00 2.18
N LEU A 228 -16.00 -7.66 2.65
CA LEU A 228 -16.15 -8.95 3.32
C LEU A 228 -16.81 -8.86 4.70
N TYR A 229 -16.46 -7.84 5.48
CA TYR A 229 -17.08 -7.71 6.80
C TYR A 229 -18.30 -6.79 6.77
N SER A 230 -18.78 -6.49 5.56
CA SER A 230 -19.95 -5.64 5.42
C SER A 230 -21.24 -6.40 5.72
N MET A 231 -22.06 -6.58 4.68
CA MET A 231 -23.33 -7.28 4.85
C MET A 231 -23.25 -8.72 4.31
N LYS A 232 -22.08 -9.31 4.43
CA LYS A 232 -21.86 -10.69 3.96
C LYS A 232 -22.48 -11.71 4.92
N PRO A 238 -21.41 -17.75 5.93
CA PRO A 238 -21.03 -19.10 6.34
C PRO A 238 -19.52 -19.25 6.57
N LEU A 239 -18.88 -18.17 7.02
CA LEU A 239 -17.44 -18.16 7.26
C LEU A 239 -17.05 -18.99 8.47
N SER A 240 -15.83 -19.54 8.43
CA SER A 240 -15.29 -20.32 9.55
C SER A 240 -14.94 -19.41 10.72
N ASP A 241 -14.75 -20.00 11.90
CA ASP A 241 -14.47 -19.21 13.09
C ASP A 241 -13.12 -18.49 12.98
N LEU A 242 -12.13 -19.16 12.41
CA LEU A 242 -10.83 -18.52 12.19
C LEU A 242 -10.94 -17.34 11.24
N LEU A 243 -11.61 -17.56 10.11
CA LEU A 243 -11.78 -16.52 9.10
C LEU A 243 -12.60 -15.35 9.64
N LEU A 244 -13.54 -15.65 10.53
CA LEU A 244 -14.33 -14.61 11.18
C LEU A 244 -13.47 -13.76 12.10
N GLU A 245 -12.59 -14.41 12.85
CA GLU A 245 -11.70 -13.69 13.77
C GLU A 245 -10.66 -12.86 13.01
N MET A 246 -10.22 -13.36 11.87
CA MET A 246 -9.27 -12.62 11.04
C MET A 246 -9.95 -11.41 10.41
N LEU A 247 -11.23 -11.56 10.09
CA LEU A 247 -12.02 -10.48 9.51
C LEU A 247 -12.40 -9.45 10.57
N ASP A 248 -12.77 -9.92 11.75
CA ASP A 248 -13.18 -9.04 12.84
C ASP A 248 -12.00 -8.28 13.43
N ALA A 249 -10.78 -8.68 13.06
CA ALA A 249 -9.59 -7.96 13.47
C ALA A 249 -9.57 -6.58 12.84
N HIS A 250 -10.21 -6.46 11.68
CA HIS A 250 -10.34 -5.19 10.99
C HIS A 250 -11.70 -4.58 11.27
N ARG A 251 -12.44 -5.20 12.19
CA ARG A 251 -13.78 -4.75 12.58
C ARG A 251 -14.71 -4.61 11.37
N SER B 8 8.33 12.68 -24.22
CA SER B 8 8.10 13.58 -23.11
C SER B 8 9.28 14.53 -22.89
N LEU B 9 9.33 15.14 -21.72
CA LEU B 9 10.40 16.07 -21.38
C LEU B 9 10.91 15.80 -19.96
N ALA B 10 10.26 14.88 -19.26
CA ALA B 10 10.63 14.53 -17.90
C ALA B 10 11.82 13.58 -17.87
N LEU B 11 11.93 12.75 -18.91
CA LEU B 11 12.98 11.74 -18.98
C LEU B 11 14.31 12.37 -19.39
N SER B 12 14.25 13.53 -20.02
CA SER B 12 15.45 14.22 -20.47
C SER B 12 16.15 14.94 -19.32
N LEU B 13 15.39 15.25 -18.28
CA LEU B 13 15.92 15.98 -17.13
C LEU B 13 16.90 15.12 -16.34
N THR B 14 17.94 15.76 -15.79
CA THR B 14 18.91 15.06 -14.96
C THR B 14 18.31 14.79 -13.58
N ALA B 15 19.07 14.08 -12.75
CA ALA B 15 18.62 13.74 -11.41
C ALA B 15 18.52 14.98 -10.52
N ASP B 16 19.35 15.98 -10.82
CA ASP B 16 19.34 17.23 -10.06
C ASP B 16 18.24 18.16 -10.55
N GLN B 17 17.99 18.14 -11.87
CA GLN B 17 16.93 18.93 -12.46
C GLN B 17 15.57 18.39 -12.04
N MET B 18 15.51 17.10 -11.71
CA MET B 18 14.29 16.48 -11.23
C MET B 18 13.96 16.95 -9.83
N VAL B 19 14.96 16.94 -8.96
CA VAL B 19 14.79 17.40 -7.58
C VAL B 19 14.38 18.86 -7.53
N SER B 20 15.07 19.69 -8.30
CA SER B 20 14.79 21.12 -8.34
C SER B 20 13.38 21.41 -8.84
N ALA B 21 12.94 20.65 -9.83
CA ALA B 21 11.60 20.82 -10.38
C ALA B 21 10.53 20.42 -9.37
N LEU B 22 10.82 19.42 -8.56
CA LEU B 22 9.88 18.95 -7.55
C LEU B 22 9.85 19.89 -6.34
N LEU B 23 11.02 20.35 -5.92
CA LEU B 23 11.11 21.29 -4.80
C LEU B 23 10.42 22.62 -5.13
N ASP B 24 10.54 23.05 -6.38
CA ASP B 24 9.95 24.30 -6.83
C ASP B 24 8.44 24.18 -6.95
N ALA B 25 7.96 22.96 -7.19
CA ALA B 25 6.55 22.70 -7.41
C ALA B 25 5.81 22.47 -6.10
N GLU B 26 6.55 22.46 -5.00
CA GLU B 26 5.98 22.24 -3.68
C GLU B 26 4.86 23.22 -3.36
N PRO B 27 3.68 22.70 -2.97
CA PRO B 27 2.55 23.50 -2.56
C PRO B 27 2.81 24.25 -1.24
N PRO B 28 2.14 25.38 -1.03
CA PRO B 28 2.34 26.17 0.19
C PRO B 28 1.71 25.53 1.42
N ILE B 29 2.17 25.93 2.60
CA ILE B 29 1.57 25.46 3.85
C ILE B 29 0.45 26.40 4.26
N LEU B 30 -0.78 25.94 4.10
CA LEU B 30 -1.95 26.77 4.39
C LEU B 30 -2.23 26.82 5.89
N TYR B 31 -2.94 27.86 6.31
CA TYR B 31 -3.32 28.02 7.71
C TYR B 31 -4.75 27.57 7.95
N SER B 32 -5.05 27.18 9.19
CA SER B 32 -6.40 26.84 9.58
C SER B 32 -7.22 28.12 9.74
N GLU B 33 -8.51 27.97 10.06
CA GLU B 33 -9.40 29.12 10.16
C GLU B 33 -9.27 29.89 11.47
N TYR B 34 -8.02 30.11 11.90
CA TYR B 34 -7.71 30.89 13.10
C TYR B 34 -8.44 30.38 14.33
N PRO B 39 -11.73 24.86 22.99
CA PRO B 39 -11.69 23.42 22.70
C PRO B 39 -12.59 23.03 21.54
N PHE B 40 -12.35 21.85 20.96
CA PHE B 40 -13.08 21.42 19.79
C PHE B 40 -14.16 20.39 20.10
N SER B 41 -15.20 20.38 19.28
CA SER B 41 -16.22 19.33 19.30
C SER B 41 -16.05 18.48 18.04
N GLU B 42 -16.94 17.52 17.84
CA GLU B 42 -16.88 16.68 16.65
C GLU B 42 -17.16 17.50 15.39
N ALA B 43 -18.13 18.40 15.49
CA ALA B 43 -18.52 19.22 14.35
C ALA B 43 -17.44 20.25 14.00
N SER B 44 -16.88 20.89 15.02
CA SER B 44 -15.88 21.92 14.81
C SER B 44 -14.56 21.33 14.31
N MET B 45 -14.18 20.18 14.85
CA MET B 45 -12.97 19.50 14.44
C MET B 45 -13.02 19.10 12.97
N MET B 46 -14.11 18.44 12.59
CA MET B 46 -14.30 18.01 11.21
C MET B 46 -14.42 19.21 10.28
N GLY B 47 -14.99 20.29 10.79
CA GLY B 47 -15.14 21.52 10.02
C GLY B 47 -13.80 22.13 9.63
N LEU B 48 -12.88 22.18 10.58
CA LEU B 48 -11.56 22.74 10.34
C LEU B 48 -10.76 21.88 9.38
N LEU B 49 -10.80 20.57 9.58
CA LEU B 49 -10.06 19.64 8.74
C LEU B 49 -10.60 19.62 7.31
N THR B 50 -11.93 19.63 7.18
CA THR B 50 -12.57 19.64 5.88
C THR B 50 -12.25 20.91 5.10
N ASN B 51 -12.40 22.05 5.77
CA ASN B 51 -12.10 23.34 5.17
C ASN B 51 -10.64 23.44 4.72
N LEU B 52 -9.74 22.91 5.54
CA LEU B 52 -8.32 22.91 5.23
C LEU B 52 -8.01 21.99 4.06
N ALA B 53 -8.58 20.79 4.09
CA ALA B 53 -8.35 19.80 3.04
C ALA B 53 -8.87 20.28 1.69
N ASP B 54 -10.00 20.97 1.72
CA ASP B 54 -10.62 21.48 0.49
C ASP B 54 -9.74 22.54 -0.18
N ARG B 55 -9.10 23.38 0.63
CA ARG B 55 -8.22 24.42 0.10
C ARG B 55 -6.88 23.84 -0.34
N GLU B 56 -6.44 22.77 0.31
CA GLU B 56 -5.20 22.11 -0.07
C GLU B 56 -5.33 21.37 -1.39
N LEU B 57 -6.53 20.85 -1.66
CA LEU B 57 -6.80 20.13 -2.90
C LEU B 57 -6.57 21.00 -4.12
N VAL B 58 -6.95 22.27 -4.02
CA VAL B 58 -6.77 23.22 -5.11
C VAL B 58 -5.28 23.40 -5.44
N HIS B 59 -4.45 23.47 -4.40
CA HIS B 59 -3.01 23.62 -4.58
C HIS B 59 -2.36 22.31 -5.05
N MET B 60 -2.94 21.18 -4.62
CA MET B 60 -2.42 19.87 -5.01
C MET B 60 -2.57 19.65 -6.51
N ILE B 61 -3.73 20.02 -7.04
CA ILE B 61 -4.03 19.87 -8.46
C ILE B 61 -3.05 20.65 -9.32
N ASN B 62 -2.72 21.86 -8.88
CA ASN B 62 -1.76 22.69 -9.57
C ASN B 62 -0.33 22.20 -9.34
N TRP B 63 -0.10 21.56 -8.21
CA TRP B 63 1.18 20.92 -7.93
C TRP B 63 1.38 19.72 -8.85
N ALA B 64 0.29 18.97 -9.06
CA ALA B 64 0.33 17.77 -9.89
C ALA B 64 0.72 18.10 -11.32
N LYS B 65 0.18 19.18 -11.85
CA LYS B 65 0.49 19.60 -13.22
C LYS B 65 1.95 20.00 -13.37
N ARG B 66 2.57 20.40 -12.27
CA ARG B 66 3.97 20.81 -12.29
C ARG B 66 4.90 19.63 -12.04
N VAL B 67 4.32 18.46 -11.79
CA VAL B 67 5.10 17.23 -11.66
C VAL B 67 5.52 16.76 -13.05
N PRO B 68 6.83 16.59 -13.27
CA PRO B 68 7.40 16.20 -14.57
C PRO B 68 6.75 14.96 -15.17
N GLY B 69 6.08 15.12 -16.30
CA GLY B 69 5.48 14.00 -17.01
C GLY B 69 3.98 13.88 -16.79
N PHE B 70 3.43 14.71 -15.92
CA PHE B 70 2.02 14.65 -15.59
C PHE B 70 1.18 15.42 -16.61
N VAL B 71 1.76 16.47 -17.20
CA VAL B 71 1.06 17.24 -18.21
C VAL B 71 1.02 16.47 -19.52
N ASP B 72 1.98 15.58 -19.71
CA ASP B 72 2.02 14.73 -20.89
C ASP B 72 0.91 13.68 -20.86
N LEU B 73 0.33 13.46 -19.68
CA LEU B 73 -0.80 12.55 -19.55
C LEU B 73 -2.07 13.17 -20.11
N THR B 74 -2.99 12.32 -20.56
CA THR B 74 -4.31 12.75 -20.99
C THR B 74 -5.13 13.27 -19.80
N LEU B 75 -6.17 14.05 -20.08
CA LEU B 75 -7.00 14.63 -19.03
C LEU B 75 -7.67 13.55 -18.19
N HIS B 76 -8.14 12.50 -18.84
CA HIS B 76 -8.81 11.39 -18.15
C HIS B 76 -7.88 10.70 -17.16
N ASP B 77 -6.64 10.49 -17.57
CA ASP B 77 -5.65 9.81 -16.73
C ASP B 77 -5.22 10.69 -15.56
N GLN B 78 -5.17 12.00 -15.79
CA GLN B 78 -4.84 12.93 -14.72
C GLN B 78 -5.91 12.91 -13.64
N VAL B 79 -7.16 12.80 -14.06
CA VAL B 79 -8.28 12.74 -13.15
C VAL B 79 -8.22 11.48 -12.30
N HIS B 80 -8.00 10.34 -12.96
CA HIS B 80 -7.96 9.04 -12.29
C HIS B 80 -6.87 8.97 -11.22
N LEU B 81 -5.67 9.46 -11.55
CA LEU B 81 -4.55 9.43 -10.63
C LEU B 81 -4.80 10.30 -9.40
N LEU B 82 -5.37 11.48 -9.62
CA LEU B 82 -5.63 12.40 -8.51
C LEU B 82 -6.78 11.92 -7.65
N GLU B 83 -7.80 11.32 -8.26
CA GLU B 83 -8.93 10.78 -7.53
C GLU B 83 -8.52 9.62 -6.62
N CYS B 84 -7.51 8.88 -7.04
CA CYS B 84 -7.08 7.70 -6.31
C CYS B 84 -6.11 8.02 -5.18
N ALA B 85 -5.31 9.08 -5.36
CA ALA B 85 -4.20 9.33 -4.45
C ALA B 85 -4.32 10.60 -3.62
N TRP B 86 -5.42 11.33 -3.75
CA TRP B 86 -5.54 12.65 -3.13
C TRP B 86 -5.40 12.62 -1.61
N LEU B 87 -5.94 11.59 -0.98
CA LEU B 87 -5.84 11.49 0.48
C LEU B 87 -4.47 10.99 0.91
N GLU B 88 -3.86 10.14 0.09
CA GLU B 88 -2.49 9.70 0.33
C GLU B 88 -1.53 10.89 0.28
N ILE B 89 -1.73 11.76 -0.69
CA ILE B 89 -0.89 12.93 -0.87
C ILE B 89 -1.09 13.93 0.27
N LEU B 90 -2.33 14.11 0.69
CA LEU B 90 -2.63 14.97 1.84
C LEU B 90 -1.99 14.45 3.11
N MET B 91 -2.02 13.14 3.28
CA MET B 91 -1.53 12.52 4.51
C MET B 91 -0.01 12.52 4.60
N ILE B 92 0.67 12.23 3.50
CA ILE B 92 2.12 12.22 3.50
C ILE B 92 2.65 13.65 3.68
N GLY B 93 1.86 14.63 3.25
CA GLY B 93 2.21 16.03 3.46
C GLY B 93 2.06 16.39 4.92
N LEU B 94 0.98 15.92 5.53
CA LEU B 94 0.72 16.13 6.94
C LEU B 94 1.81 15.49 7.81
N VAL B 95 2.14 14.25 7.48
CA VAL B 95 3.18 13.52 8.19
C VAL B 95 4.54 14.23 8.09
N TRP B 96 4.84 14.76 6.91
CA TRP B 96 6.08 15.48 6.68
C TRP B 96 6.16 16.77 7.50
N ARG B 97 5.05 17.50 7.58
CA ARG B 97 5.01 18.74 8.35
C ARG B 97 5.14 18.47 9.85
N SER B 98 4.74 17.27 10.26
CA SER B 98 4.72 16.91 11.67
C SER B 98 6.01 16.23 12.13
N MET B 99 6.99 16.16 11.23
CA MET B 99 8.25 15.48 11.54
C MET B 99 9.01 16.13 12.68
N GLU B 100 9.03 17.45 12.71
CA GLU B 100 9.77 18.18 13.73
C GLU B 100 8.89 18.46 14.95
N HIS B 101 7.73 17.82 15.01
CA HIS B 101 6.83 17.94 16.15
C HIS B 101 6.38 16.57 16.63
N PRO B 102 7.26 15.85 17.34
CA PRO B 102 7.00 14.48 17.80
C PRO B 102 5.78 14.38 18.71
N GLY B 103 4.91 13.41 18.43
CA GLY B 103 3.72 13.20 19.22
C GLY B 103 2.57 14.11 18.83
N LYS B 104 2.79 14.92 17.80
CA LYS B 104 1.78 15.88 17.36
C LYS B 104 1.64 15.89 15.84
N LEU B 105 0.48 16.33 15.36
CA LEU B 105 0.22 16.43 13.93
C LEU B 105 0.03 17.88 13.50
N LEU B 106 0.90 18.37 12.62
CA LEU B 106 0.83 19.74 12.16
C LEU B 106 -0.05 19.85 10.90
N PHE B 107 -1.35 19.97 11.11
CA PHE B 107 -2.28 20.20 10.00
C PHE B 107 -2.02 21.57 9.41
N ALA B 108 -1.74 22.53 10.29
CA ALA B 108 -1.44 23.90 9.91
C ALA B 108 -0.57 24.51 11.00
N PRO B 109 0.21 25.55 10.65
CA PRO B 109 1.06 26.20 11.66
C PRO B 109 0.27 26.71 12.87
N ASN B 110 -1.02 26.98 12.68
CA ASN B 110 -1.89 27.40 13.78
C ASN B 110 -2.84 26.28 14.19
N LEU B 111 -2.54 25.06 13.77
CA LEU B 111 -3.37 23.91 14.10
C LEU B 111 -2.51 22.68 14.38
N LEU B 112 -1.97 22.61 15.60
CA LEU B 112 -1.11 21.50 16.01
C LEU B 112 -1.85 20.63 17.02
N LEU B 113 -2.16 19.39 16.63
CA LEU B 113 -2.97 18.52 17.46
C LEU B 113 -2.24 17.27 17.91
N ASP B 114 -2.64 16.73 19.06
CA ASP B 114 -2.10 15.47 19.56
C ASP B 114 -3.18 14.40 19.54
N ARG B 115 -2.84 13.18 19.97
CA ARG B 115 -3.75 12.04 19.85
C ARG B 115 -4.99 12.18 20.74
N ASN B 116 -4.87 12.97 21.82
CA ASN B 116 -5.99 13.19 22.72
C ASN B 116 -7.06 14.05 22.07
N GLN B 117 -6.64 14.98 21.23
CA GLN B 117 -7.57 15.82 20.49
C GLN B 117 -8.18 15.05 19.32
N GLY B 118 -7.66 13.85 19.08
CA GLY B 118 -8.18 12.98 18.04
C GLY B 118 -9.42 12.24 18.51
N LYS B 119 -9.70 12.35 19.80
CA LYS B 119 -10.86 11.66 20.40
C LYS B 119 -12.14 12.45 20.21
N CYS B 120 -12.02 13.65 19.65
CA CYS B 120 -13.18 14.52 19.41
C CYS B 120 -14.11 13.91 18.36
N VAL B 121 -13.54 13.13 17.44
CA VAL B 121 -14.31 12.48 16.41
C VAL B 121 -14.22 10.95 16.53
N GLU B 122 -15.37 10.29 16.48
CA GLU B 122 -15.45 8.85 16.64
C GLU B 122 -14.73 8.11 15.51
N GLY B 123 -13.65 7.42 15.85
CA GLY B 123 -12.91 6.63 14.88
C GLY B 123 -11.77 7.38 14.22
N MET B 124 -11.39 8.52 14.78
CA MET B 124 -10.32 9.33 14.22
C MET B 124 -8.99 9.03 14.93
N VAL B 125 -9.09 8.54 16.16
CA VAL B 125 -7.91 8.26 16.98
C VAL B 125 -7.01 7.20 16.36
N GLU B 126 -7.62 6.13 15.85
CA GLU B 126 -6.87 5.01 15.28
C GLU B 126 -6.02 5.45 14.09
N ILE B 127 -6.53 6.40 13.32
CA ILE B 127 -5.84 6.90 12.15
C ILE B 127 -4.85 8.00 12.54
N PHE B 128 -5.17 8.72 13.61
CA PHE B 128 -4.26 9.69 14.19
C PHE B 128 -2.98 8.99 14.63
N ASP B 129 -3.13 7.83 15.25
CA ASP B 129 -2.00 7.04 15.73
C ASP B 129 -1.15 6.52 14.58
N MET B 130 -1.80 6.12 13.49
CA MET B 130 -1.09 5.61 12.32
C MET B 130 -0.26 6.73 11.68
N LEU B 131 -0.82 7.93 11.67
CA LEU B 131 -0.13 9.10 11.13
C LEU B 131 1.07 9.47 11.98
N LEU B 132 0.88 9.43 13.31
CA LEU B 132 1.96 9.72 14.25
C LEU B 132 3.08 8.69 14.13
N ALA B 133 2.71 7.44 13.91
CA ALA B 133 3.67 6.36 13.75
C ALA B 133 4.49 6.54 12.48
N THR B 134 3.86 7.10 11.44
CA THR B 134 4.53 7.36 10.18
C THR B 134 5.52 8.51 10.34
N SER B 135 5.14 9.51 11.12
CA SER B 135 5.99 10.68 11.35
C SER B 135 7.23 10.30 12.15
N SER B 136 7.06 9.40 13.11
CA SER B 136 8.18 8.92 13.91
C SER B 136 9.13 8.09 13.05
N ARG B 137 8.57 7.37 12.09
CA ARG B 137 9.35 6.56 11.17
C ARG B 137 10.18 7.45 10.25
N PHE B 138 9.57 8.53 9.77
CA PHE B 138 10.28 9.50 8.95
C PHE B 138 11.41 10.17 9.73
N ARG B 139 11.15 10.44 11.00
CA ARG B 139 12.13 11.11 11.85
C ARG B 139 13.29 10.18 12.18
N MET B 140 12.97 8.91 12.46
CA MET B 140 13.97 7.92 12.77
C MET B 140 14.89 7.67 11.59
N MET B 141 14.34 7.75 10.39
CA MET B 141 15.11 7.56 9.16
C MET B 141 15.77 8.86 8.71
N ASN B 142 15.44 9.95 9.39
CA ASN B 142 15.93 11.28 9.04
C ASN B 142 15.62 11.60 7.58
N LEU B 143 14.33 11.55 7.24
CA LEU B 143 13.88 11.80 5.88
C LEU B 143 14.18 13.23 5.44
N GLN B 144 14.83 13.36 4.29
CA GLN B 144 15.15 14.68 3.74
C GLN B 144 14.04 15.17 2.83
N GLY B 145 13.95 16.49 2.67
CA GLY B 145 12.96 17.11 1.82
C GLY B 145 13.07 16.67 0.37
N GLU B 146 14.30 16.41 -0.06
CA GLU B 146 14.56 15.95 -1.42
C GLU B 146 13.96 14.56 -1.63
N GLU B 147 14.02 13.73 -0.60
CA GLU B 147 13.45 12.40 -0.64
C GLU B 147 11.92 12.43 -0.54
N PHE B 148 11.42 13.38 0.24
CA PHE B 148 9.99 13.53 0.44
C PHE B 148 9.24 13.87 -0.84
N VAL B 149 9.76 14.84 -1.59
CA VAL B 149 9.09 15.29 -2.80
C VAL B 149 9.10 14.19 -3.86
N CYS B 150 10.07 13.29 -3.78
CA CYS B 150 10.11 12.14 -4.68
C CYS B 150 9.03 11.14 -4.32
N LEU B 151 8.87 10.87 -3.03
CA LEU B 151 7.88 9.91 -2.55
C LEU B 151 6.46 10.36 -2.88
N LYS B 152 6.20 11.65 -2.69
CA LYS B 152 4.86 12.20 -2.93
C LYS B 152 4.50 12.14 -4.42
N SER B 153 5.48 12.38 -5.27
CA SER B 153 5.29 12.29 -6.71
C SER B 153 5.06 10.85 -7.14
N ILE B 154 5.76 9.92 -6.47
CA ILE B 154 5.59 8.50 -6.74
C ILE B 154 4.17 8.06 -6.44
N ILE B 155 3.66 8.51 -5.29
CA ILE B 155 2.29 8.21 -4.89
C ILE B 155 1.29 8.67 -5.96
N LEU B 156 1.49 9.87 -6.49
CA LEU B 156 0.61 10.42 -7.50
C LEU B 156 0.55 9.55 -8.77
N LEU B 157 1.71 9.09 -9.21
CA LEU B 157 1.82 8.36 -10.46
C LEU B 157 1.52 6.87 -10.31
N ASN B 158 1.81 6.31 -9.15
CA ASN B 158 1.71 4.87 -8.96
C ASN B 158 0.38 4.37 -8.43
N SER B 159 -0.21 5.12 -7.49
CA SER B 159 -1.38 4.64 -6.76
C SER B 159 -2.56 4.22 -7.63
N GLY B 160 -2.69 4.83 -8.80
CA GLY B 160 -3.79 4.50 -9.70
C GLY B 160 -3.36 3.97 -11.04
N VAL B 161 -2.11 3.54 -11.14
CA VAL B 161 -1.56 3.11 -12.43
C VAL B 161 -2.04 1.70 -12.82
N TYR B 162 -2.48 0.93 -11.84
CA TYR B 162 -2.94 -0.44 -12.09
C TYR B 162 -4.46 -0.54 -12.07
N THR B 163 -5.13 0.59 -12.16
CA THR B 163 -6.58 0.63 -12.27
C THR B 163 -6.99 1.29 -13.59
N PHE B 164 -6.06 1.32 -14.53
CA PHE B 164 -6.32 1.86 -15.86
C PHE B 164 -6.94 0.80 -16.77
N LYS B 175 0.45 3.54 -20.25
CA LYS B 175 0.98 3.61 -18.89
C LYS B 175 2.48 3.31 -18.87
N ASP B 176 3.04 3.03 -20.04
CA ASP B 176 4.48 2.78 -20.16
C ASP B 176 5.27 4.04 -19.86
N HIS B 177 4.66 5.18 -20.18
CA HIS B 177 5.27 6.47 -19.88
C HIS B 177 5.30 6.74 -18.38
N ILE B 178 4.24 6.36 -17.69
CA ILE B 178 4.14 6.53 -16.25
C ILE B 178 5.22 5.73 -15.53
N HIS B 179 5.39 4.47 -15.93
CA HIS B 179 6.41 3.62 -15.34
C HIS B 179 7.81 4.10 -15.69
N ARG B 180 7.92 4.78 -16.83
CA ARG B 180 9.19 5.37 -17.24
C ARG B 180 9.56 6.53 -16.31
N VAL B 181 8.56 7.34 -15.94
CA VAL B 181 8.79 8.44 -15.02
C VAL B 181 9.04 7.90 -13.62
N LEU B 182 8.32 6.82 -13.27
CA LEU B 182 8.52 6.15 -11.99
C LEU B 182 9.95 5.64 -11.85
N ASP B 183 10.50 5.10 -12.93
CA ASP B 183 11.89 4.67 -12.94
C ASP B 183 12.82 5.87 -12.81
N LYS B 184 12.41 7.00 -13.39
CA LYS B 184 13.22 8.22 -13.36
C LYS B 184 13.30 8.78 -11.93
N ILE B 185 12.20 8.68 -11.19
CA ILE B 185 12.17 9.12 -9.80
C ILE B 185 12.98 8.16 -8.93
N THR B 186 12.97 6.88 -9.31
CA THR B 186 13.78 5.88 -8.64
C THR B 186 15.26 6.20 -8.83
N ASP B 187 15.63 6.57 -10.05
CA ASP B 187 16.99 7.00 -10.35
C ASP B 187 17.32 8.25 -9.55
N THR B 188 16.32 9.11 -9.38
CA THR B 188 16.49 10.35 -8.64
C THR B 188 16.72 10.06 -7.15
N LEU B 189 15.95 9.12 -6.61
CA LEU B 189 16.08 8.73 -5.21
C LEU B 189 17.45 8.14 -4.91
N ILE B 190 17.91 7.25 -5.78
CA ILE B 190 19.22 6.63 -5.63
C ILE B 190 20.33 7.68 -5.71
N HIS B 191 20.18 8.62 -6.63
CA HIS B 191 21.15 9.70 -6.82
C HIS B 191 21.27 10.58 -5.57
N LEU B 192 20.16 10.77 -4.88
CA LEU B 192 20.14 11.56 -3.66
C LEU B 192 20.89 10.86 -2.53
N MET B 193 20.68 9.56 -2.40
CA MET B 193 21.32 8.77 -1.36
C MET B 193 22.82 8.59 -1.65
N ALA B 194 23.16 8.44 -2.92
CA ALA B 194 24.56 8.28 -3.31
C ALA B 194 25.33 9.59 -3.12
N LYS B 195 24.62 10.70 -3.23
CA LYS B 195 25.23 12.02 -3.03
C LYS B 195 25.21 12.40 -1.55
N ALA B 196 24.77 11.48 -0.71
CA ALA B 196 24.72 11.71 0.73
C ALA B 196 25.80 10.89 1.44
N GLY B 197 26.53 10.07 0.68
CA GLY B 197 27.62 9.29 1.22
C GLY B 197 27.23 7.87 1.61
N LEU B 198 26.08 7.43 1.12
CA LEU B 198 25.60 6.09 1.43
C LEU B 198 26.24 5.05 0.52
N THR B 199 26.62 3.91 1.10
CA THR B 199 27.20 2.82 0.33
C THR B 199 26.14 2.14 -0.52
N LEU B 200 26.57 1.30 -1.46
CA LEU B 200 25.67 0.63 -2.38
C LEU B 200 24.59 -0.17 -1.66
N GLN B 201 24.98 -0.87 -0.59
CA GLN B 201 24.02 -1.65 0.19
C GLN B 201 23.05 -0.73 0.92
N GLN B 202 23.58 0.34 1.50
CA GLN B 202 22.78 1.30 2.24
C GLN B 202 21.78 2.03 1.35
N GLN B 203 22.10 2.13 0.07
CA GLN B 203 21.26 2.85 -0.89
C GLN B 203 19.96 2.09 -1.20
N HIS B 204 20.09 0.83 -1.62
CA HIS B 204 18.90 0.05 -1.98
C HIS B 204 18.15 -0.41 -0.74
N GLN B 205 18.83 -0.43 0.40
CA GLN B 205 18.16 -0.73 1.66
C GLN B 205 17.26 0.43 2.08
N ARG B 206 17.79 1.65 2.00
CA ARG B 206 17.01 2.84 2.33
C ARG B 206 15.89 3.04 1.32
N LEU B 207 16.17 2.76 0.05
CA LEU B 207 15.17 2.85 -1.00
C LEU B 207 13.99 1.94 -0.70
N ALA B 208 14.30 0.73 -0.24
CA ALA B 208 13.26 -0.24 0.11
C ALA B 208 12.45 0.22 1.31
N GLN B 209 13.14 0.72 2.33
CA GLN B 209 12.49 1.19 3.56
C GLN B 209 11.51 2.33 3.28
N LEU B 210 11.87 3.21 2.36
CA LEU B 210 11.03 4.35 2.03
C LEU B 210 9.76 3.93 1.29
N LEU B 211 9.91 3.01 0.34
CA LEU B 211 8.78 2.58 -0.50
C LEU B 211 7.80 1.70 0.25
N LEU B 212 8.28 1.01 1.28
CA LEU B 212 7.41 0.16 2.09
C LEU B 212 6.46 1.01 2.94
N ILE B 213 6.88 2.23 3.25
CA ILE B 213 6.05 3.15 4.02
C ILE B 213 4.85 3.58 3.19
N LEU B 214 5.02 3.59 1.87
CA LEU B 214 3.93 3.96 0.96
C LEU B 214 2.76 2.98 1.06
N SER B 215 3.07 1.73 1.43
CA SER B 215 2.05 0.72 1.66
C SER B 215 1.22 1.09 2.89
N HIS B 216 1.86 1.71 3.87
CA HIS B 216 1.17 2.15 5.08
C HIS B 216 0.38 3.41 4.82
N ILE B 217 0.92 4.28 3.98
CA ILE B 217 0.23 5.50 3.58
C ILE B 217 -1.06 5.13 2.85
N ARG B 218 -0.97 4.16 1.96
CA ARG B 218 -2.14 3.63 1.26
C ARG B 218 -3.17 3.08 2.25
N HIS B 219 -2.69 2.37 3.27
CA HIS B 219 -3.56 1.79 4.28
C HIS B 219 -4.29 2.87 5.06
N MET B 220 -3.54 3.87 5.53
CA MET B 220 -4.12 4.99 6.27
C MET B 220 -5.18 5.71 5.43
N SER B 221 -4.90 5.85 4.13
CA SER B 221 -5.83 6.49 3.23
C SER B 221 -7.12 5.69 3.10
N ASN B 222 -6.97 4.37 2.92
CA ASN B 222 -8.12 3.49 2.78
C ASN B 222 -9.01 3.48 4.02
N LYS B 223 -8.37 3.34 5.19
CA LYS B 223 -9.12 3.33 6.45
C LYS B 223 -9.74 4.70 6.72
N GLY B 224 -9.02 5.75 6.34
CA GLY B 224 -9.52 7.11 6.48
C GLY B 224 -10.70 7.35 5.56
N MET B 225 -10.54 6.95 4.31
CA MET B 225 -11.57 7.13 3.29
C MET B 225 -12.85 6.39 3.67
N GLU B 226 -12.69 5.25 4.34
CA GLU B 226 -13.82 4.42 4.75
C GLU B 226 -14.78 5.17 5.67
N HIS B 227 -14.23 5.91 6.62
CA HIS B 227 -15.03 6.71 7.54
C HIS B 227 -15.57 7.96 6.87
N LEU B 228 -14.72 8.62 6.07
CA LEU B 228 -15.04 9.93 5.50
C LEU B 228 -16.25 9.92 4.55
N TYR B 229 -16.41 8.84 3.79
CA TYR B 229 -17.57 8.75 2.89
C TYR B 229 -18.70 7.94 3.50
N SER B 230 -18.63 7.69 4.80
CA SER B 230 -19.75 7.08 5.49
C SER B 230 -20.82 8.14 5.71
N MET B 231 -22.08 7.72 5.76
CA MET B 231 -23.19 8.65 5.88
C MET B 231 -23.12 9.48 7.17
N LYS B 232 -22.56 8.89 8.22
CA LYS B 232 -22.46 9.56 9.50
C LYS B 232 -21.44 10.70 9.49
N CYS B 233 -20.49 10.61 8.55
CA CYS B 233 -19.46 11.64 8.42
C CYS B 233 -19.79 12.63 7.31
N LYS B 234 -20.72 12.24 6.43
CA LYS B 234 -21.21 13.14 5.40
C LYS B 234 -22.15 14.18 6.00
N ASN B 235 -22.80 13.79 7.09
CA ASN B 235 -23.85 14.61 7.69
C ASN B 235 -23.38 15.46 8.86
N VAL B 236 -22.18 15.17 9.38
CA VAL B 236 -21.67 15.90 10.53
C VAL B 236 -21.32 17.34 10.15
N VAL B 237 -21.01 17.56 8.87
CA VAL B 237 -20.69 18.89 8.36
C VAL B 237 -20.82 18.89 6.83
N PRO B 238 -21.52 19.89 6.29
CA PRO B 238 -21.68 20.02 4.84
C PRO B 238 -20.34 20.17 4.12
N LEU B 239 -19.91 19.12 3.43
CA LEU B 239 -18.64 19.12 2.71
C LEU B 239 -18.78 19.84 1.37
N SER B 240 -17.67 20.36 0.87
CA SER B 240 -17.68 21.03 -0.43
C SER B 240 -17.94 20.05 -1.55
N ASP B 241 -18.45 20.54 -2.68
CA ASP B 241 -18.78 19.70 -3.82
C ASP B 241 -17.54 19.01 -4.39
N LEU B 242 -16.41 19.72 -4.38
CA LEU B 242 -15.14 19.15 -4.86
C LEU B 242 -14.70 18.00 -3.97
N LEU B 243 -14.72 18.21 -2.66
CA LEU B 243 -14.29 17.19 -1.72
C LEU B 243 -15.22 15.98 -1.76
N LEU B 244 -16.49 16.22 -2.06
CA LEU B 244 -17.46 15.14 -2.20
C LEU B 244 -17.14 14.30 -3.44
N GLU B 245 -16.78 14.98 -4.52
CA GLU B 245 -16.45 14.28 -5.77
C GLU B 245 -15.19 13.43 -5.62
N MET B 246 -14.24 13.89 -4.82
CA MET B 246 -13.04 13.12 -4.55
C MET B 246 -13.36 11.93 -3.67
N LEU B 247 -14.26 12.13 -2.71
CA LEU B 247 -14.71 11.06 -1.82
C LEU B 247 -15.58 10.03 -2.53
N ASP B 248 -16.48 10.51 -3.39
CA ASP B 248 -17.40 9.63 -4.09
C ASP B 248 -16.68 8.79 -5.13
N ALA B 249 -15.47 9.19 -5.49
CA ALA B 249 -14.64 8.43 -6.42
C ALA B 249 -14.23 7.09 -5.80
N HIS B 250 -14.18 7.04 -4.48
CA HIS B 250 -13.88 5.82 -3.75
C HIS B 250 -15.16 5.17 -3.22
N ARG B 251 -16.30 5.65 -3.71
CA ARG B 251 -17.61 5.18 -3.26
C ARG B 251 -17.79 5.34 -1.76
N LYS C 3 -8.83 -16.89 21.15
CA LYS C 3 -8.29 -16.54 19.83
C LYS C 3 -7.70 -17.78 19.16
N ILE C 4 -8.28 -18.16 18.03
CA ILE C 4 -7.83 -19.33 17.29
C ILE C 4 -6.42 -19.13 16.73
N LEU C 5 -6.20 -17.96 16.12
CA LEU C 5 -4.90 -17.64 15.53
C LEU C 5 -3.77 -17.73 16.54
N HIS C 6 -4.03 -17.25 17.76
CA HIS C 6 -3.04 -17.29 18.83
C HIS C 6 -2.76 -18.73 19.24
N ARG C 7 -3.79 -19.57 19.19
CA ARG C 7 -3.66 -20.97 19.56
C ARG C 7 -2.89 -21.77 18.50
N LEU C 8 -3.22 -21.54 17.23
CA LEU C 8 -2.56 -22.24 16.13
C LEU C 8 -1.10 -21.84 16.03
N LEU C 9 -0.79 -20.61 16.43
CA LEU C 9 0.58 -20.14 16.48
C LEU C 9 1.34 -20.81 17.62
N GLN C 10 0.62 -21.14 18.69
CA GLN C 10 1.21 -21.82 19.84
C GLN C 10 1.60 -23.26 19.49
N ASP C 11 0.84 -23.87 18.59
CA ASP C 11 1.12 -25.24 18.16
C ASP C 11 2.47 -25.35 17.46
N LYS D 3 -17.10 17.19 -14.02
CA LYS D 3 -16.61 17.27 -12.64
C LYS D 3 -15.79 18.54 -12.42
N ILE D 4 -15.71 18.96 -11.17
CA ILE D 4 -14.94 20.14 -10.80
C ILE D 4 -13.45 19.90 -11.00
N LEU D 5 -13.02 18.65 -10.82
CA LEU D 5 -11.63 18.27 -11.00
C LEU D 5 -11.17 18.53 -12.43
N HIS D 6 -12.08 18.33 -13.39
CA HIS D 6 -11.79 18.63 -14.78
C HIS D 6 -11.45 20.10 -14.97
N ARG D 7 -12.27 20.96 -14.36
CA ARG D 7 -12.12 22.40 -14.50
C ARG D 7 -10.83 22.91 -13.85
N LEU D 8 -10.50 22.36 -12.69
CA LEU D 8 -9.31 22.80 -11.96
C LEU D 8 -8.04 22.28 -12.63
N LEU D 9 -8.16 21.20 -13.39
CA LEU D 9 -7.01 20.63 -14.11
C LEU D 9 -6.72 21.39 -15.40
N GLN D 10 -7.75 21.92 -16.03
CA GLN D 10 -7.59 22.65 -17.28
C GLN D 10 -7.26 24.12 -17.05
N ASP D 11 -7.36 24.57 -15.81
CA ASP D 11 -7.02 25.94 -15.45
C ASP D 11 -5.61 26.03 -14.90
#